data_7B15
#
_entry.id   7B15
#
_cell.length_a   83.299
_cell.length_b   113.450
_cell.length_c   63.200
_cell.angle_alpha   90.000
_cell.angle_beta   90.000
_cell.angle_gamma   90.000
#
_symmetry.space_group_name_H-M   'C 2 2 21'
#
loop_
_entity.id
_entity.type
_entity.pdbx_description
1 polymer '14-3-3 protein sigma'
2 polymer SHN3pT869
3 non-polymer 'MAGNESIUM ION'
4 water water
#
loop_
_entity_poly.entity_id
_entity_poly.type
_entity_poly.pdbx_seq_one_letter_code
_entity_poly.pdbx_strand_id
1 'polypeptide(L)'
;GAMGSMERASLIQKAKLAEQAERYEDMAAFMKGAVEKGEELSCEERNLLSVAYKNVVGGQRAAWRVLSSIEQKSNEEGSE
EKGPEVREYREKVETELQGVCDTVLGLLDSHLIKEAGDAESRVFYLKMKGDYYRYLAEVATGDDKKRIIDSARSAYQEAM
DISKKEMPPTNPIRLGLALNFSVFHYEIANSPEEAISLAKTTFDEAMADLHTLSEDSYKDSTLIMQLLRDNLTLWT
;
A
2 'polypeptide(L)' DRPD(TPO)EPEP P
#
loop_
_chem_comp.id
_chem_comp.type
_chem_comp.name
_chem_comp.formula
MG non-polymer 'MAGNESIUM ION' 'Mg 2'
#
# COMPACT_ATOMS: atom_id res chain seq x y z
N GLY A 1 -16.77 -15.47 11.89
CA GLY A 1 -15.34 -15.09 12.03
C GLY A 1 -14.87 -15.45 13.42
N ALA A 2 -13.60 -15.88 13.54
CA ALA A 2 -13.08 -16.31 14.82
C ALA A 2 -12.95 -15.16 15.82
N MET A 3 -13.04 -13.90 15.37
CA MET A 3 -13.01 -12.76 16.28
C MET A 3 -14.39 -12.24 16.63
N GLY A 4 -15.44 -12.95 16.19
CA GLY A 4 -16.79 -12.48 16.39
C GLY A 4 -17.23 -12.35 17.84
N SER A 5 -16.63 -13.14 18.75
CA SER A 5 -16.99 -13.08 20.16
CA SER A 5 -16.99 -13.08 20.16
C SER A 5 -16.19 -12.08 20.97
N MET A 6 -15.20 -11.39 20.39
CA MET A 6 -14.36 -10.46 21.14
C MET A 6 -14.87 -9.02 20.97
N GLU A 7 -14.88 -8.27 22.08
CA GLU A 7 -15.24 -6.84 22.05
C GLU A 7 -14.37 -6.05 21.05
N ARG A 8 -15.01 -5.06 20.40
CA ARG A 8 -14.28 -4.17 19.50
C ARG A 8 -13.06 -3.53 20.21
N ALA A 9 -13.25 -2.98 21.43
CA ALA A 9 -12.16 -2.30 22.12
C ALA A 9 -11.02 -3.27 22.45
N SER A 10 -11.37 -4.51 22.81
CA SER A 10 -10.36 -5.53 23.12
C SER A 10 -9.54 -5.92 21.88
N LEU A 11 -10.19 -5.98 20.72
CA LEU A 11 -9.47 -6.25 19.47
C LEU A 11 -8.46 -5.14 19.18
N ILE A 12 -8.86 -3.88 19.34
CA ILE A 12 -7.95 -2.76 19.10
CA ILE A 12 -7.93 -2.78 19.09
C ILE A 12 -6.79 -2.79 20.10
N GLN A 13 -7.09 -3.03 21.40
CA GLN A 13 -6.02 -3.16 22.40
CA GLN A 13 -6.04 -3.18 22.41
C GLN A 13 -5.02 -4.26 22.03
N LYS A 14 -5.52 -5.44 21.62
CA LYS A 14 -4.63 -6.53 21.25
C LYS A 14 -3.86 -6.27 19.96
N ALA A 15 -4.44 -5.55 18.98
CA ALA A 15 -3.68 -5.15 17.79
C ALA A 15 -2.45 -4.32 18.19
N LYS A 16 -2.59 -3.42 19.17
CA LYS A 16 -1.46 -2.61 19.61
C LYS A 16 -0.39 -3.45 20.32
N LEU A 17 -0.82 -4.42 21.14
CA LEU A 17 0.13 -5.35 21.76
C LEU A 17 0.85 -6.20 20.71
N ALA A 18 0.12 -6.67 19.69
CA ALA A 18 0.75 -7.48 18.66
C ALA A 18 1.80 -6.68 17.87
N GLU A 19 1.55 -5.40 17.62
CA GLU A 19 2.56 -4.54 16.97
C GLU A 19 3.83 -4.47 17.82
N GLN A 20 3.68 -4.28 19.14
CA GLN A 20 4.86 -4.17 20.01
C GLN A 20 5.67 -5.47 19.99
N ALA A 21 5.00 -6.60 19.87
CA ALA A 21 5.62 -7.93 19.82
C ALA A 21 6.04 -8.36 18.41
N GLU A 22 5.83 -7.52 17.41
CA GLU A 22 6.15 -7.81 16.01
CA GLU A 22 6.16 -7.82 16.01
C GLU A 22 5.45 -9.08 15.52
N ARG A 23 4.20 -9.26 15.94
CA ARG A 23 3.35 -10.38 15.55
C ARG A 23 2.30 -9.83 14.57
N TYR A 24 2.72 -9.60 13.32
CA TYR A 24 1.88 -8.88 12.37
C TYR A 24 0.72 -9.71 11.79
N GLU A 25 0.85 -11.04 11.66
CA GLU A 25 -0.31 -11.84 11.28
CA GLU A 25 -0.30 -11.85 11.28
C GLU A 25 -1.42 -11.74 12.34
N ASP A 26 -1.05 -11.85 13.63
CA ASP A 26 -2.05 -11.64 14.69
C ASP A 26 -2.65 -10.24 14.61
N MET A 27 -1.80 -9.22 14.43
CA MET A 27 -2.27 -7.84 14.33
C MET A 27 -3.31 -7.68 13.23
N ALA A 28 -3.06 -8.27 12.05
CA ALA A 28 -4.02 -8.16 10.94
C ALA A 28 -5.33 -8.87 11.25
N ALA A 29 -5.26 -10.05 11.90
CA ALA A 29 -6.50 -10.75 12.25
C ALA A 29 -7.33 -9.96 13.27
N PHE A 30 -6.67 -9.32 14.25
CA PHE A 30 -7.39 -8.51 15.21
C PHE A 30 -8.07 -7.33 14.50
N MET A 31 -7.36 -6.64 13.60
CA MET A 31 -7.96 -5.48 12.94
C MET A 31 -9.05 -5.87 11.93
N LYS A 32 -8.91 -7.00 11.25
CA LYS A 32 -10.03 -7.52 10.43
C LYS A 32 -11.28 -7.73 11.30
N GLY A 33 -11.11 -8.35 12.47
CA GLY A 33 -12.22 -8.50 13.40
C GLY A 33 -12.84 -7.18 13.80
N ALA A 34 -12.01 -6.17 14.07
CA ALA A 34 -12.56 -4.85 14.41
C ALA A 34 -13.36 -4.23 13.25
N VAL A 35 -12.85 -4.31 12.02
CA VAL A 35 -13.59 -3.78 10.88
C VAL A 35 -14.95 -4.47 10.75
N GLU A 36 -14.98 -5.79 10.96
CA GLU A 36 -16.22 -6.57 10.77
C GLU A 36 -17.26 -6.29 11.85
N LYS A 37 -16.95 -5.48 12.87
CA LYS A 37 -17.97 -5.02 13.80
C LYS A 37 -18.95 -4.04 13.14
N GLY A 38 -18.56 -3.43 12.01
CA GLY A 38 -19.46 -2.62 11.21
C GLY A 38 -19.41 -1.13 11.44
N GLU A 39 -18.71 -0.66 12.47
CA GLU A 39 -18.55 0.76 12.73
CA GLU A 39 -18.55 0.76 12.73
C GLU A 39 -17.40 1.35 11.92
N GLU A 40 -17.49 2.65 11.65
CA GLU A 40 -16.40 3.35 10.96
C GLU A 40 -15.14 3.33 11.86
N LEU A 41 -13.97 3.50 11.22
CA LEU A 41 -12.69 3.52 11.91
CA LEU A 41 -12.70 3.52 11.93
C LEU A 41 -12.20 4.95 12.11
N SER A 42 -11.62 5.21 13.27
CA SER A 42 -10.93 6.46 13.54
C SER A 42 -9.61 6.54 12.77
N CYS A 43 -8.96 7.71 12.79
CA CYS A 43 -7.67 7.86 12.13
C CYS A 43 -6.63 6.86 12.68
N GLU A 44 -6.50 6.78 14.01
CA GLU A 44 -5.54 5.84 14.60
C GLU A 44 -5.86 4.41 14.20
N GLU A 45 -7.14 4.04 14.20
CA GLU A 45 -7.53 2.66 13.84
C GLU A 45 -7.21 2.35 12.37
N ARG A 46 -7.45 3.32 11.45
CA ARG A 46 -7.10 3.12 10.05
C ARG A 46 -5.61 2.85 9.90
N ASN A 47 -4.78 3.58 10.63
CA ASN A 47 -3.36 3.35 10.51
CA ASN A 47 -3.34 3.39 10.58
C ASN A 47 -2.93 2.01 11.10
N LEU A 48 -3.62 1.52 12.16
CA LEU A 48 -3.31 0.17 12.65
C LEU A 48 -3.62 -0.89 11.58
N LEU A 49 -4.77 -0.75 10.91
CA LEU A 49 -5.15 -1.67 9.83
C LEU A 49 -4.08 -1.69 8.73
N SER A 50 -3.64 -0.51 8.29
CA SER A 50 -2.66 -0.42 7.22
CA SER A 50 -2.65 -0.40 7.23
C SER A 50 -1.30 -0.98 7.64
N VAL A 51 -0.81 -0.66 8.85
CA VAL A 51 0.47 -1.20 9.32
C VAL A 51 0.45 -2.73 9.35
N ALA A 52 -0.64 -3.32 9.83
CA ALA A 52 -0.72 -4.77 9.98
C ALA A 52 -0.57 -5.45 8.61
N TYR A 53 -1.42 -5.07 7.64
CA TYR A 53 -1.42 -5.76 6.35
C TYR A 53 -0.18 -5.38 5.53
N LYS A 54 0.37 -4.16 5.69
CA LYS A 54 1.59 -3.82 4.97
C LYS A 54 2.74 -4.75 5.36
N ASN A 55 2.86 -5.08 6.65
CA ASN A 55 3.92 -5.97 7.12
C ASN A 55 3.68 -7.41 6.66
N VAL A 56 2.43 -7.90 6.72
CA VAL A 56 2.17 -9.26 6.25
C VAL A 56 2.48 -9.38 4.76
N VAL A 57 1.91 -8.49 3.92
CA VAL A 57 2.12 -8.64 2.47
CA VAL A 57 2.12 -8.62 2.48
C VAL A 57 3.57 -8.30 2.13
N GLY A 58 4.23 -7.47 2.93
CA GLY A 58 5.62 -7.16 2.66
C GLY A 58 6.53 -8.37 2.77
N GLY A 59 6.30 -9.20 3.78
CA GLY A 59 7.04 -10.45 3.88
C GLY A 59 6.77 -11.38 2.71
N GLN A 60 5.51 -11.46 2.27
CA GLN A 60 5.15 -12.32 1.14
C GLN A 60 5.79 -11.83 -0.16
N ARG A 61 5.79 -10.51 -0.38
CA ARG A 61 6.38 -9.95 -1.59
C ARG A 61 7.88 -10.22 -1.64
N ALA A 62 8.57 -10.07 -0.52
CA ALA A 62 10.00 -10.32 -0.48
C ALA A 62 10.31 -11.79 -0.77
N ALA A 63 9.52 -12.70 -0.20
CA ALA A 63 9.73 -14.13 -0.48
C ALA A 63 9.46 -14.46 -1.94
N TRP A 64 8.36 -13.93 -2.49
CA TRP A 64 8.02 -14.15 -3.89
C TRP A 64 9.15 -13.68 -4.82
N ARG A 65 9.79 -12.55 -4.51
CA ARG A 65 10.86 -12.06 -5.37
CA ARG A 65 10.86 -12.07 -5.38
C ARG A 65 12.08 -12.98 -5.35
N VAL A 66 12.41 -13.53 -4.17
CA VAL A 66 13.53 -14.47 -4.06
C VAL A 66 13.24 -15.70 -4.92
N LEU A 67 12.03 -16.26 -4.79
CA LEU A 67 11.69 -17.49 -5.49
C LEU A 67 11.56 -17.28 -6.98
N SER A 68 10.99 -16.13 -7.42
CA SER A 68 10.90 -15.83 -8.84
CA SER A 68 10.90 -15.84 -8.84
C SER A 68 12.28 -15.69 -9.46
N SER A 69 13.22 -15.09 -8.75
CA SER A 69 14.58 -14.97 -9.28
CA SER A 69 14.57 -14.97 -9.30
CA SER A 69 14.57 -14.97 -9.30
C SER A 69 15.22 -16.34 -9.47
N ILE A 70 15.02 -17.24 -8.50
CA ILE A 70 15.58 -18.60 -8.62
C ILE A 70 14.96 -19.33 -9.79
N GLU A 71 13.65 -19.18 -9.97
CA GLU A 71 12.94 -19.82 -11.06
C GLU A 71 13.43 -19.31 -12.42
N GLN A 72 13.61 -17.99 -12.54
CA GLN A 72 14.05 -17.44 -13.83
C GLN A 72 15.44 -17.96 -14.19
N LYS A 73 16.33 -18.04 -13.22
CA LYS A 73 17.68 -18.57 -13.50
C LYS A 73 17.61 -20.02 -13.94
N SER A 74 16.76 -20.82 -13.30
CA SER A 74 16.62 -22.22 -13.68
C SER A 74 16.11 -22.40 -15.10
N ASN A 75 15.57 -21.34 -15.71
CA ASN A 75 15.10 -21.38 -17.09
C ASN A 75 16.10 -20.77 -18.07
N GLU A 76 17.30 -20.41 -17.61
CA GLU A 76 18.33 -19.90 -18.49
C GLU A 76 18.97 -21.04 -19.29
N GLU A 77 19.74 -20.67 -20.31
CA GLU A 77 20.49 -21.63 -21.09
C GLU A 77 21.59 -22.26 -20.25
N GLY A 78 21.68 -23.59 -20.28
CA GLY A 78 22.73 -24.31 -19.59
C GLY A 78 22.40 -24.75 -18.18
N SER A 79 21.23 -24.36 -17.66
CA SER A 79 20.87 -24.69 -16.28
C SER A 79 20.36 -26.11 -16.17
N GLU A 80 20.83 -26.81 -15.15
CA GLU A 80 20.44 -28.21 -14.94
C GLU A 80 18.98 -28.29 -14.52
N GLU A 81 18.26 -29.27 -15.07
CA GLU A 81 16.85 -29.45 -14.76
C GLU A 81 16.68 -30.02 -13.36
N LYS A 82 15.80 -29.40 -12.58
CA LYS A 82 15.61 -29.77 -11.17
C LYS A 82 14.18 -30.20 -10.85
N GLY A 83 13.29 -30.27 -11.82
CA GLY A 83 11.94 -30.72 -11.58
C GLY A 83 10.98 -29.58 -11.31
N PRO A 84 9.78 -29.92 -10.84
CA PRO A 84 8.72 -28.92 -10.71
C PRO A 84 8.75 -28.12 -9.40
N GLU A 85 9.69 -28.39 -8.49
CA GLU A 85 9.56 -27.91 -7.11
C GLU A 85 9.67 -26.39 -6.99
N VAL A 86 10.57 -25.73 -7.73
CA VAL A 86 10.70 -24.28 -7.63
C VAL A 86 9.40 -23.60 -8.05
N ARG A 87 8.85 -24.00 -9.21
CA ARG A 87 7.58 -23.45 -9.68
C ARG A 87 6.46 -23.71 -8.67
N GLU A 88 6.35 -24.95 -8.16
CA GLU A 88 5.30 -25.28 -7.20
C GLU A 88 5.36 -24.34 -5.99
N TYR A 89 6.56 -24.15 -5.44
CA TYR A 89 6.67 -23.39 -4.19
C TYR A 89 6.49 -21.89 -4.44
N ARG A 90 6.97 -21.37 -5.59
CA ARG A 90 6.64 -19.99 -5.98
C ARG A 90 5.13 -19.81 -6.10
N GLU A 91 4.45 -20.77 -6.74
CA GLU A 91 2.99 -20.72 -6.87
CA GLU A 91 2.99 -20.70 -6.86
C GLU A 91 2.28 -20.73 -5.51
N LYS A 92 2.82 -21.50 -4.55
CA LYS A 92 2.22 -21.55 -3.21
CA LYS A 92 2.23 -21.55 -3.21
C LYS A 92 2.27 -20.18 -2.54
N VAL A 93 3.43 -19.57 -2.53
CA VAL A 93 3.57 -18.24 -1.93
C VAL A 93 2.72 -17.23 -2.68
N GLU A 94 2.68 -17.31 -4.04
CA GLU A 94 1.87 -16.39 -4.84
C GLU A 94 0.38 -16.47 -4.49
N THR A 95 -0.13 -17.69 -4.33
CA THR A 95 -1.54 -17.88 -4.00
C THR A 95 -1.85 -17.31 -2.61
N GLU A 96 -0.94 -17.48 -1.65
CA GLU A 96 -1.16 -16.92 -0.32
CA GLU A 96 -1.13 -16.92 -0.31
C GLU A 96 -1.16 -15.39 -0.35
N LEU A 97 -0.24 -14.80 -1.13
CA LEU A 97 -0.19 -13.33 -1.30
CA LEU A 97 -0.20 -13.34 -1.29
C LEU A 97 -1.49 -12.81 -1.91
N GLN A 98 -1.98 -13.47 -2.98
CA GLN A 98 -3.22 -13.07 -3.63
C GLN A 98 -4.37 -13.16 -2.64
N GLY A 99 -4.35 -14.17 -1.77
CA GLY A 99 -5.41 -14.28 -0.78
C GLY A 99 -5.44 -13.13 0.21
N VAL A 100 -4.28 -12.67 0.65
CA VAL A 100 -4.19 -11.52 1.57
C VAL A 100 -4.72 -10.26 0.86
N CYS A 101 -4.28 -10.00 -0.39
CA CYS A 101 -4.79 -8.84 -1.13
C CYS A 101 -6.32 -8.90 -1.31
N ASP A 102 -6.86 -10.07 -1.64
CA ASP A 102 -8.31 -10.23 -1.76
C ASP A 102 -9.03 -9.95 -0.44
N THR A 103 -8.43 -10.36 0.68
CA THR A 103 -9.03 -10.08 1.99
C THR A 103 -9.10 -8.58 2.24
N VAL A 104 -8.00 -7.85 1.97
CA VAL A 104 -8.01 -6.39 2.19
C VAL A 104 -9.02 -5.72 1.26
N LEU A 105 -8.99 -6.08 -0.04
CA LEU A 105 -9.92 -5.47 -0.99
C LEU A 105 -11.36 -5.76 -0.60
N GLY A 106 -11.62 -6.93 -0.03
CA GLY A 106 -12.97 -7.22 0.42
C GLY A 106 -13.43 -6.38 1.59
N LEU A 107 -12.54 -6.09 2.54
CA LEU A 107 -12.89 -5.19 3.63
C LEU A 107 -13.20 -3.79 3.10
N LEU A 108 -12.39 -3.31 2.14
CA LEU A 108 -12.64 -1.99 1.57
C LEU A 108 -13.98 -1.95 0.87
N ASP A 109 -14.35 -3.02 0.16
CA ASP A 109 -15.62 -3.05 -0.58
C ASP A 109 -16.82 -3.35 0.30
N SER A 110 -16.62 -3.94 1.48
CA SER A 110 -17.73 -4.35 2.38
C SER A 110 -17.36 -4.01 3.83
N HIS A 111 -17.51 -2.74 4.25
CA HIS A 111 -18.15 -1.64 3.52
C HIS A 111 -17.42 -0.32 3.85
N LEU A 112 -16.10 -0.38 3.99
CA LEU A 112 -15.36 0.80 4.45
C LEU A 112 -15.48 1.99 3.49
N ILE A 113 -15.27 1.78 2.18
CA ILE A 113 -15.28 2.92 1.25
C ILE A 113 -16.67 3.56 1.16
N LYS A 114 -17.74 2.75 1.06
CA LYS A 114 -19.05 3.38 0.86
C LYS A 114 -19.50 4.21 2.07
N GLU A 115 -19.00 3.95 3.27
CA GLU A 115 -19.38 4.77 4.43
C GLU A 115 -18.42 5.93 4.68
N ALA A 116 -17.34 6.04 3.90
CA ALA A 116 -16.32 7.06 4.12
C ALA A 116 -16.65 8.36 3.37
N GLY A 117 -17.03 9.37 4.12
CA GLY A 117 -17.44 10.65 3.56
C GLY A 117 -16.46 11.80 3.70
N ASP A 118 -15.67 11.81 4.76
CA ASP A 118 -14.66 12.86 4.94
C ASP A 118 -13.48 12.60 4.03
N ALA A 119 -12.82 13.67 3.60
CA ALA A 119 -11.72 13.50 2.65
C ALA A 119 -10.59 12.63 3.21
N GLU A 120 -10.25 12.81 4.48
CA GLU A 120 -9.12 12.07 5.04
C GLU A 120 -9.37 10.56 5.03
N SER A 121 -10.60 10.14 5.33
CA SER A 121 -10.87 8.70 5.34
CA SER A 121 -10.90 8.71 5.33
C SER A 121 -11.03 8.17 3.91
N ARG A 122 -11.79 8.87 3.06
CA ARG A 122 -12.03 8.38 1.70
C ARG A 122 -10.75 8.27 0.88
N VAL A 123 -9.87 9.28 0.96
CA VAL A 123 -8.58 9.21 0.28
C VAL A 123 -7.72 8.08 0.84
N PHE A 124 -7.67 7.92 2.18
CA PHE A 124 -6.90 6.81 2.77
CA PHE A 124 -6.89 6.82 2.76
C PHE A 124 -7.32 5.47 2.20
N TYR A 125 -8.64 5.21 2.15
CA TYR A 125 -9.10 3.90 1.68
C TYR A 125 -8.92 3.69 0.18
N LEU A 126 -9.16 4.74 -0.64
CA LEU A 126 -8.93 4.61 -2.08
C LEU A 126 -7.46 4.39 -2.40
N LYS A 127 -6.55 5.06 -1.66
CA LYS A 127 -5.12 4.78 -1.81
C LYS A 127 -4.81 3.31 -1.48
N MET A 128 -5.38 2.78 -0.37
CA MET A 128 -5.17 1.38 -0.03
CA MET A 128 -5.17 1.38 -0.03
C MET A 128 -5.67 0.46 -1.14
N LYS A 129 -6.82 0.78 -1.74
CA LYS A 129 -7.33 -0.04 -2.84
C LYS A 129 -6.35 -0.05 -4.02
N GLY A 130 -5.81 1.13 -4.37
CA GLY A 130 -4.76 1.17 -5.40
C GLY A 130 -3.53 0.34 -5.05
N ASP A 131 -3.06 0.44 -3.80
CA ASP A 131 -1.88 -0.31 -3.34
C ASP A 131 -2.07 -1.83 -3.49
N TYR A 132 -3.23 -2.36 -3.06
CA TYR A 132 -3.38 -3.83 -3.04
C TYR A 132 -3.69 -4.35 -4.46
N TYR A 133 -4.35 -3.57 -5.34
CA TYR A 133 -4.36 -3.96 -6.77
C TYR A 133 -2.95 -3.90 -7.38
N ARG A 134 -2.10 -2.94 -6.96
CA ARG A 134 -0.73 -2.89 -7.44
C ARG A 134 0.06 -4.14 -7.01
N TYR A 135 -0.09 -4.60 -5.77
CA TYR A 135 0.58 -5.85 -5.36
C TYR A 135 0.07 -7.05 -6.17
N LEU A 136 -1.23 -7.12 -6.46
CA LEU A 136 -1.73 -8.15 -7.39
C LEU A 136 -1.11 -8.03 -8.79
N ALA A 137 -0.90 -6.79 -9.26
CA ALA A 137 -0.31 -6.61 -10.60
C ALA A 137 1.15 -7.04 -10.66
N GLU A 138 1.89 -6.96 -9.54
CA GLU A 138 3.29 -7.36 -9.52
C GLU A 138 3.47 -8.84 -9.86
N VAL A 139 2.46 -9.69 -9.62
CA VAL A 139 2.55 -11.13 -9.86
C VAL A 139 1.65 -11.62 -10.98
N ALA A 140 0.90 -10.73 -11.64
CA ALA A 140 -0.09 -11.11 -12.63
C ALA A 140 0.57 -11.34 -13.98
N THR A 141 0.10 -12.38 -14.68
CA THR A 141 0.65 -12.73 -15.99
C THR A 141 -0.40 -13.16 -17.01
N GLY A 142 -1.67 -13.31 -16.62
CA GLY A 142 -2.68 -13.90 -17.48
C GLY A 142 -3.60 -12.90 -18.14
N ASP A 143 -4.80 -13.39 -18.48
CA ASP A 143 -5.76 -12.59 -19.24
C ASP A 143 -6.31 -11.41 -18.45
N ASP A 144 -6.13 -11.40 -17.13
CA ASP A 144 -6.69 -10.34 -16.30
C ASP A 144 -5.69 -9.26 -15.93
N LYS A 145 -4.44 -9.38 -16.37
CA LYS A 145 -3.42 -8.40 -15.94
C LYS A 145 -3.81 -6.98 -16.32
N LYS A 146 -4.34 -6.77 -17.52
CA LYS A 146 -4.68 -5.40 -17.90
C LYS A 146 -5.80 -4.83 -17.04
N ARG A 147 -6.79 -5.66 -16.69
CA ARG A 147 -7.90 -5.19 -15.86
C ARG A 147 -7.43 -4.94 -14.42
N ILE A 148 -6.49 -5.75 -13.90
CA ILE A 148 -5.94 -5.48 -12.57
C ILE A 148 -5.21 -4.13 -12.55
N ILE A 149 -4.38 -3.87 -13.58
CA ILE A 149 -3.66 -2.61 -13.68
C ILE A 149 -4.63 -1.44 -13.77
N ASP A 150 -5.72 -1.57 -14.56
CA ASP A 150 -6.66 -0.47 -14.64
C ASP A 150 -7.43 -0.24 -13.34
N SER A 151 -7.72 -1.31 -12.58
CA SER A 151 -8.35 -1.15 -11.29
C SER A 151 -7.45 -0.35 -10.31
N ALA A 152 -6.14 -0.63 -10.32
CA ALA A 152 -5.22 0.16 -9.50
C ALA A 152 -5.21 1.62 -9.93
N ARG A 153 -5.08 1.85 -11.25
CA ARG A 153 -5.05 3.21 -11.79
CA ARG A 153 -5.05 3.22 -11.78
C ARG A 153 -6.31 3.99 -11.41
N SER A 154 -7.48 3.36 -11.57
CA SER A 154 -8.75 4.04 -11.30
CA SER A 154 -8.74 4.04 -11.30
C SER A 154 -8.88 4.44 -9.84
N ALA A 155 -8.47 3.55 -8.92
CA ALA A 155 -8.55 3.87 -7.49
C ALA A 155 -7.61 5.02 -7.11
N TYR A 156 -6.35 4.95 -7.58
CA TYR A 156 -5.38 6.03 -7.33
C TYR A 156 -5.90 7.36 -7.89
N GLN A 157 -6.52 7.33 -9.10
CA GLN A 157 -6.95 8.57 -9.75
C GLN A 157 -8.10 9.23 -8.99
N GLU A 158 -9.09 8.43 -8.52
CA GLU A 158 -10.15 9.02 -7.71
CA GLU A 158 -10.16 9.01 -7.70
C GLU A 158 -9.61 9.62 -6.41
N ALA A 159 -8.64 8.93 -5.78
CA ALA A 159 -8.02 9.46 -4.57
C ALA A 159 -7.28 10.76 -4.85
N MET A 160 -6.58 10.84 -5.99
CA MET A 160 -5.86 12.07 -6.36
CA MET A 160 -5.86 12.06 -6.36
C MET A 160 -6.83 13.22 -6.56
N ASP A 161 -7.95 12.96 -7.25
CA ASP A 161 -8.88 14.05 -7.56
C ASP A 161 -9.45 14.64 -6.27
N ILE A 162 -9.80 13.78 -5.29
CA ILE A 162 -10.32 14.27 -4.02
C ILE A 162 -9.25 15.03 -3.25
N SER A 163 -8.03 14.48 -3.22
CA SER A 163 -6.96 15.08 -2.40
CA SER A 163 -6.95 15.07 -2.42
C SER A 163 -6.59 16.46 -2.91
N LYS A 164 -6.59 16.65 -4.23
CA LYS A 164 -6.27 17.97 -4.79
C LYS A 164 -7.35 19.00 -4.48
N LYS A 165 -8.61 18.60 -4.39
CA LYS A 165 -9.69 19.52 -4.09
CA LYS A 165 -9.70 19.52 -4.09
C LYS A 165 -9.82 19.84 -2.60
N GLU A 166 -9.51 18.87 -1.71
CA GLU A 166 -9.86 18.96 -0.29
C GLU A 166 -8.72 19.01 0.71
N MET A 167 -7.46 18.78 0.31
CA MET A 167 -6.33 18.69 1.22
CA MET A 167 -6.37 18.74 1.26
C MET A 167 -5.23 19.64 0.80
N PRO A 168 -4.47 20.19 1.75
CA PRO A 168 -3.29 21.02 1.38
C PRO A 168 -2.19 20.16 0.75
N PRO A 169 -1.29 20.76 -0.02
CA PRO A 169 -0.27 19.98 -0.70
C PRO A 169 0.76 19.35 0.22
N THR A 170 0.81 19.74 1.51
CA THR A 170 1.70 19.12 2.47
C THR A 170 1.07 17.99 3.28
N ASN A 171 -0.22 17.72 3.11
CA ASN A 171 -0.88 16.71 3.93
C ASN A 171 -0.18 15.35 3.75
N PRO A 172 0.23 14.67 4.83
CA PRO A 172 0.98 13.41 4.64
C PRO A 172 0.24 12.30 3.90
N ILE A 173 -1.09 12.24 3.98
CA ILE A 173 -1.84 11.25 3.20
C ILE A 173 -1.73 11.57 1.72
N ARG A 174 -1.95 12.85 1.35
CA ARG A 174 -1.80 13.29 -0.04
C ARG A 174 -0.38 13.01 -0.56
N LEU A 175 0.64 13.29 0.25
CA LEU A 175 2.01 13.00 -0.17
C LEU A 175 2.31 11.52 -0.36
N GLY A 176 1.85 10.67 0.56
CA GLY A 176 2.08 9.23 0.41
C GLY A 176 1.31 8.62 -0.76
N LEU A 177 0.10 9.14 -1.03
CA LEU A 177 -0.63 8.76 -2.24
C LEU A 177 0.16 9.09 -3.50
N ALA A 178 0.67 10.32 -3.60
CA ALA A 178 1.42 10.69 -4.79
C ALA A 178 2.71 9.88 -4.95
N LEU A 179 3.43 9.65 -3.85
CA LEU A 179 4.60 8.77 -3.87
C LEU A 179 4.26 7.41 -4.47
N ASN A 180 3.20 6.77 -3.96
CA ASN A 180 2.89 5.40 -4.42
C ASN A 180 2.32 5.37 -5.84
N PHE A 181 1.50 6.38 -6.24
CA PHE A 181 1.01 6.44 -7.64
C PHE A 181 2.17 6.67 -8.60
N SER A 182 3.17 7.45 -8.19
CA SER A 182 4.36 7.64 -9.02
CA SER A 182 4.36 7.64 -9.02
C SER A 182 5.12 6.32 -9.22
N VAL A 183 5.25 5.51 -8.17
CA VAL A 183 5.88 4.18 -8.32
C VAL A 183 5.03 3.25 -9.19
N PHE A 184 3.69 3.29 -9.06
CA PHE A 184 2.81 2.59 -10.00
C PHE A 184 3.14 2.93 -11.44
N HIS A 185 3.26 4.22 -11.76
CA HIS A 185 3.59 4.61 -13.14
C HIS A 185 4.93 4.03 -13.58
N TYR A 186 5.96 4.07 -12.72
CA TYR A 186 7.29 3.65 -13.13
C TYR A 186 7.41 2.12 -13.26
N GLU A 187 6.91 1.39 -12.25
CA GLU A 187 7.15 -0.06 -12.14
C GLU A 187 6.10 -0.93 -12.82
N ILE A 188 4.85 -0.47 -12.89
CA ILE A 188 3.70 -1.26 -13.31
C ILE A 188 3.20 -0.84 -14.70
N ALA A 189 3.02 0.47 -14.93
CA ALA A 189 2.41 1.00 -16.13
C ALA A 189 3.41 1.35 -17.24
N ASN A 190 4.70 1.10 -17.03
CA ASN A 190 5.73 1.37 -18.05
C ASN A 190 5.69 2.83 -18.50
N SER A 191 5.51 3.75 -17.53
CA SER A 191 5.35 5.18 -17.79
C SER A 191 6.33 5.99 -16.94
N PRO A 192 7.65 5.80 -17.14
CA PRO A 192 8.64 6.50 -16.30
C PRO A 192 8.56 8.03 -16.39
N GLU A 193 8.22 8.60 -17.54
CA GLU A 193 8.10 10.06 -17.60
C GLU A 193 6.95 10.58 -16.74
N GLU A 194 5.80 9.89 -16.72
CA GLU A 194 4.70 10.28 -15.85
C GLU A 194 5.10 10.17 -14.38
N ALA A 195 5.84 9.11 -14.04
CA ALA A 195 6.32 8.93 -12.66
C ALA A 195 7.19 10.08 -12.20
N ILE A 196 8.15 10.49 -13.04
CA ILE A 196 9.07 11.60 -12.72
C ILE A 196 8.31 12.93 -12.63
N SER A 197 7.41 13.20 -13.57
CA SER A 197 6.63 14.44 -13.53
CA SER A 197 6.63 14.44 -13.53
C SER A 197 5.79 14.55 -12.26
N LEU A 198 5.10 13.47 -11.89
CA LEU A 198 4.27 13.50 -10.69
C LEU A 198 5.11 13.73 -9.45
N ALA A 199 6.24 13.03 -9.32
CA ALA A 199 7.07 13.21 -8.12
C ALA A 199 7.61 14.64 -8.01
N LYS A 200 8.07 15.20 -9.15
CA LYS A 200 8.59 16.56 -9.18
CA LYS A 200 8.61 16.55 -9.13
C LYS A 200 7.55 17.60 -8.79
N THR A 201 6.39 17.55 -9.44
CA THR A 201 5.33 18.53 -9.15
CA THR A 201 5.36 18.55 -9.14
C THR A 201 4.86 18.42 -7.69
N THR A 202 4.70 17.18 -7.21
CA THR A 202 4.29 17.00 -5.81
C THR A 202 5.31 17.60 -4.85
N PHE A 203 6.61 17.35 -5.10
CA PHE A 203 7.66 17.90 -4.22
C PHE A 203 7.63 19.42 -4.23
N ASP A 204 7.54 20.03 -5.41
CA ASP A 204 7.60 21.49 -5.51
C ASP A 204 6.39 22.17 -4.87
N GLU A 205 5.19 21.61 -5.05
CA GLU A 205 4.00 22.22 -4.45
C GLU A 205 4.00 22.05 -2.94
N ALA A 206 4.59 20.98 -2.41
CA ALA A 206 4.70 20.87 -0.96
C ALA A 206 5.72 21.87 -0.39
N MET A 207 6.89 22.01 -1.06
CA MET A 207 7.91 22.96 -0.60
CA MET A 207 7.91 22.97 -0.64
C MET A 207 7.31 24.35 -0.39
N ALA A 208 6.47 24.82 -1.32
CA ALA A 208 5.89 26.15 -1.25
C ALA A 208 4.85 26.32 -0.17
N ASP A 209 4.37 25.24 0.47
CA ASP A 209 3.37 25.27 1.54
C ASP A 209 3.96 25.00 2.93
N LEU A 210 5.24 24.66 3.03
CA LEU A 210 5.85 24.35 4.33
C LEU A 210 5.76 25.51 5.31
N HIS A 211 5.76 26.76 4.81
CA HIS A 211 5.79 27.91 5.70
C HIS A 211 4.56 28.03 6.57
N THR A 212 3.46 27.32 6.22
CA THR A 212 2.20 27.39 6.97
C THR A 212 2.17 26.45 8.17
N LEU A 213 3.16 25.57 8.30
CA LEU A 213 3.12 24.45 9.22
C LEU A 213 3.81 24.72 10.56
N SER A 214 3.33 24.00 11.58
CA SER A 214 4.02 23.90 12.85
C SER A 214 5.28 23.06 12.73
N GLU A 215 6.12 23.08 13.77
CA GLU A 215 7.35 22.30 13.75
C GLU A 215 7.06 20.81 13.60
N ASP A 216 6.03 20.31 14.30
CA ASP A 216 5.74 18.87 14.23
C ASP A 216 5.19 18.47 12.87
N SER A 217 4.31 19.30 12.28
CA SER A 217 3.77 19.02 10.96
C SER A 217 4.86 19.11 9.89
N TYR A 218 5.75 20.10 10.04
CA TYR A 218 6.90 20.23 9.15
CA TYR A 218 6.88 20.22 9.12
C TYR A 218 7.73 18.95 9.11
N LYS A 219 8.00 18.35 10.28
CA LYS A 219 8.76 17.11 10.30
CA LYS A 219 8.75 17.10 10.32
C LYS A 219 8.00 15.97 9.61
N ASP A 220 6.68 15.86 9.84
CA ASP A 220 5.90 14.81 9.18
C ASP A 220 5.97 14.92 7.65
N SER A 221 5.76 16.14 7.11
CA SER A 221 5.72 16.33 5.66
C SER A 221 7.10 16.16 5.01
N THR A 222 8.15 16.72 5.62
CA THR A 222 9.47 16.62 5.00
C THR A 222 9.98 15.19 4.96
N LEU A 223 9.55 14.33 5.90
CA LEU A 223 9.98 12.92 5.84
C LEU A 223 9.52 12.26 4.53
N ILE A 224 8.28 12.52 4.12
CA ILE A 224 7.76 11.91 2.89
CA ILE A 224 7.78 11.90 2.90
C ILE A 224 8.34 12.62 1.68
N MET A 225 8.55 13.93 1.74
CA MET A 225 9.21 14.63 0.64
C MET A 225 10.59 14.04 0.32
N GLN A 226 11.33 13.61 1.35
CA GLN A 226 12.64 13.01 1.13
C GLN A 226 12.57 11.71 0.33
N LEU A 227 11.50 10.94 0.50
CA LEU A 227 11.32 9.74 -0.32
C LEU A 227 11.03 10.07 -1.78
N LEU A 228 10.24 11.15 -2.04
CA LEU A 228 10.06 11.61 -3.42
C LEU A 228 11.41 11.98 -4.05
N ARG A 229 12.25 12.70 -3.30
CA ARG A 229 13.57 13.11 -3.79
C ARG A 229 14.47 11.90 -4.01
N ASP A 230 14.44 10.92 -3.10
CA ASP A 230 15.26 9.72 -3.27
C ASP A 230 14.87 8.96 -4.55
N ASN A 231 13.57 8.87 -4.85
CA ASN A 231 13.15 8.20 -6.08
C ASN A 231 13.58 9.00 -7.30
N LEU A 232 13.43 10.33 -7.27
CA LEU A 232 13.89 11.14 -8.40
C LEU A 232 15.39 10.96 -8.65
N THR A 233 16.18 10.82 -7.57
CA THR A 233 17.63 10.59 -7.72
C THR A 233 17.92 9.22 -8.34
N LEU A 234 17.12 8.21 -8.00
CA LEU A 234 17.28 6.90 -8.60
CA LEU A 234 17.28 6.90 -8.60
C LEU A 234 16.91 6.90 -10.08
N TRP A 235 15.93 7.72 -10.47
CA TRP A 235 15.34 7.65 -11.81
C TRP A 235 15.94 8.61 -12.83
N THR A 236 16.75 9.59 -12.39
CA THR A 236 17.32 10.60 -13.26
C THR A 236 18.82 10.74 -13.05
N ASP B 1 18.07 -0.60 -8.22
CA ASP B 1 17.42 -1.01 -6.98
C ASP B 1 15.98 -0.52 -6.94
N ARG B 2 15.22 -1.01 -5.94
CA ARG B 2 13.79 -0.78 -5.86
C ARG B 2 13.50 0.62 -5.31
N PRO B 3 12.53 1.32 -5.86
CA PRO B 3 12.16 2.63 -5.31
C PRO B 3 11.36 2.51 -4.02
N ASP B 4 11.31 3.62 -3.29
CA ASP B 4 10.61 3.69 -2.04
C ASP B 4 9.13 3.97 -2.17
N TPO B 5 8.29 3.23 -1.41
CA TPO B 5 6.86 3.55 -1.27
CB TPO B 5 5.94 2.40 -1.78
CG2 TPO B 5 6.00 2.37 -3.31
OG1 TPO B 5 6.36 1.18 -1.18
P TPO B 5 5.48 -0.16 -1.41
O1P TPO B 5 5.85 -0.72 -2.78
O2P TPO B 5 5.97 -1.11 -0.24
O3P TPO B 5 3.94 0.19 -1.28
C TPO B 5 6.62 3.94 0.19
O TPO B 5 7.54 3.90 1.03
HA TPO B 5 6.62 4.31 -1.84
HB TPO B 5 4.90 2.54 -1.50
HG21 TPO B 5 5.38 1.55 -3.68
HG22 TPO B 5 7.03 2.23 -3.63
HG23 TPO B 5 5.62 3.31 -3.71
N GLU B 6 5.39 4.32 0.51
CA GLU B 6 5.08 4.95 1.77
C GLU B 6 5.43 4.01 2.89
N PRO B 7 6.17 4.51 3.89
CA PRO B 7 6.55 3.66 5.03
C PRO B 7 5.50 3.67 6.13
N GLU B 8 5.75 2.92 7.21
CA GLU B 8 4.89 2.98 8.37
C GLU B 8 4.80 4.41 8.90
N PRO B 9 3.65 4.81 9.48
CA PRO B 9 3.53 6.11 10.12
C PRO B 9 4.39 6.21 11.39
MG MG C . -19.52 8.20 7.23
MG MG D . -19.71 -4.78 22.15
MG MG E . -5.51 -4.04 -24.62
MG MG F . 4.81 -26.34 -2.40
#